data_1EYG
#
_entry.id   1EYG
#
_cell.length_a   98.688
_cell.length_b   71.081
_cell.length_c   79.160
_cell.angle_alpha   90.00
_cell.angle_beta   91.93
_cell.angle_gamma   90.00
#
_symmetry.space_group_name_H-M   'C 1 2 1'
#
loop_
_entity.id
_entity.type
_entity.pdbx_description
1 polymer 'SINGLE STRANDED 28-MER OF D(C)'
2 polymer 'SINGLE-STRAND DNA-BINDING PROTEIN'
3 water water
#
loop_
_entity_poly.entity_id
_entity_poly.type
_entity_poly.pdbx_seq_one_letter_code
_entity_poly.pdbx_strand_id
1 'polydeoxyribonucleotide'
;(DC)(DC)(DC)(DC)(DC)(DC)(DC)(DC)(DC)(DC)(DC)(DC)(DC)(DC)(DC)(DC)(DC)(DC)(DC)(DC)
(DC)(DC)(DC)(DC)(DC)(DC)(DC)(DC)(DC)(DC)(DC)(DC)(DC)(DC)(DC)
;
Q,R
2 'polypeptide(L)'
;MASRGVNKVILVGNLGQDPEVRYMPNGGAVANITLATSESWRDKATGEMKEQTEWHRVVLFGKLAEVASEYLRKGSQVYI
EGQLRTRKWTDQSGQDRYTTEVVVNVGGTMQMLGGR
;
A,B,C,D
#
loop_
_chem_comp.id
_chem_comp.type
_chem_comp.name
_chem_comp.formula
DC DNA linking 2'-DEOXYCYTIDINE-5'-MONOPHOSPHATE 'C9 H14 N3 O7 P'
#
# COMPACT_ATOMS: atom_id res chain seq x y z
N ALA C 2 15.68 6.82 10.59
CA ALA C 2 14.86 6.67 9.35
C ALA C 2 13.35 6.57 9.64
N SER C 3 12.92 7.05 10.80
CA SER C 3 11.51 7.02 11.15
C SER C 3 10.90 8.28 10.55
N ARG C 4 10.36 9.16 11.39
CA ARG C 4 9.73 10.37 10.88
C ARG C 4 9.04 10.03 9.55
N GLY C 5 7.88 9.39 9.65
CA GLY C 5 7.10 9.08 8.46
C GLY C 5 7.45 7.96 7.53
N VAL C 6 6.63 7.86 6.49
CA VAL C 6 6.73 6.81 5.48
C VAL C 6 6.74 7.40 4.07
N ASN C 7 7.62 6.89 3.22
CA ASN C 7 7.71 7.36 1.83
C ASN C 7 7.54 6.10 1.05
N LYS C 8 6.33 5.79 0.59
CA LYS C 8 6.16 4.55 -0.13
C LYS C 8 5.33 4.66 -1.41
N VAL C 9 5.86 4.09 -2.49
CA VAL C 9 5.14 4.03 -3.75
C VAL C 9 5.19 2.59 -4.26
N ILE C 10 4.01 2.09 -4.62
CA ILE C 10 3.83 0.74 -5.14
C ILE C 10 3.32 0.90 -6.56
N LEU C 11 3.98 0.29 -7.51
CA LEU C 11 3.60 0.39 -8.91
C LEU C 11 3.50 -0.96 -9.60
N VAL C 12 2.60 -1.05 -10.57
CA VAL C 12 2.46 -2.26 -11.34
C VAL C 12 2.18 -1.67 -12.69
N GLY C 13 3.00 -2.00 -13.68
CA GLY C 13 2.80 -1.41 -14.98
C GLY C 13 3.78 -1.96 -15.98
N ASN C 14 3.73 -1.47 -17.21
CA ASN C 14 4.60 -1.98 -18.26
C ASN C 14 5.62 -1.00 -18.74
N LEU C 15 6.77 -1.51 -19.13
CA LEU C 15 7.83 -0.63 -19.59
C LEU C 15 7.59 0.04 -20.94
N GLY C 16 7.96 1.32 -21.04
CA GLY C 16 7.79 2.05 -22.27
C GLY C 16 8.87 1.59 -23.23
N GLN C 17 10.09 1.51 -22.75
CA GLN C 17 11.18 1.08 -23.61
C GLN C 17 12.00 0.07 -22.85
N ASP C 18 13.05 -0.42 -23.49
CA ASP C 18 13.92 -1.39 -22.83
C ASP C 18 14.70 -0.68 -21.74
N PRO C 19 15.07 -1.41 -20.68
CA PRO C 19 15.82 -0.77 -19.60
C PRO C 19 17.13 -0.11 -20.07
N GLU C 20 17.32 1.14 -19.65
CA GLU C 20 18.52 1.90 -20.02
C GLU C 20 19.54 1.80 -18.90
N VAL C 21 20.36 0.74 -18.93
CA VAL C 21 21.35 0.55 -17.89
C VAL C 21 22.66 1.30 -18.12
N ARG C 22 23.13 1.95 -17.07
CA ARG C 22 24.40 2.63 -17.16
C ARG C 22 25.20 2.33 -15.93
N TYR C 23 26.44 2.84 -15.93
CA TYR C 23 27.37 2.62 -14.86
C TYR C 23 27.61 3.87 -14.07
N MET C 24 27.41 3.79 -12.77
CA MET C 24 27.68 4.93 -11.91
C MET C 24 29.15 4.77 -11.55
N PRO C 25 29.86 5.88 -11.29
CA PRO C 25 31.28 5.77 -10.95
C PRO C 25 31.53 4.85 -9.76
N ASN C 26 32.49 3.93 -9.93
CA ASN C 26 32.86 2.96 -8.91
C ASN C 26 31.85 1.79 -8.81
N GLY C 27 31.81 0.99 -9.89
CA GLY C 27 30.92 -0.14 -9.96
C GLY C 27 29.52 0.31 -10.34
N GLY C 28 29.27 0.44 -11.64
CA GLY C 28 27.98 0.92 -12.11
C GLY C 28 26.74 0.27 -11.52
N ALA C 29 25.94 -0.33 -12.38
CA ALA C 29 24.72 -0.96 -11.95
C ALA C 29 23.71 0.08 -11.52
N VAL C 30 23.03 0.63 -12.51
CA VAL C 30 21.99 1.62 -12.33
C VAL C 30 21.11 1.47 -13.57
N ALA C 31 19.86 1.04 -13.39
CA ALA C 31 18.96 0.84 -14.51
C ALA C 31 17.77 1.75 -14.45
N ASN C 32 17.54 2.51 -15.51
CA ASN C 32 16.43 3.42 -15.54
C ASN C 32 15.37 2.85 -16.37
N ILE C 33 14.24 2.63 -15.76
CA ILE C 33 13.11 2.10 -16.50
C ILE C 33 11.98 3.15 -16.39
N THR C 34 11.08 3.17 -17.36
CA THR C 34 10.00 4.12 -17.30
C THR C 34 8.74 3.31 -17.52
N LEU C 35 7.86 3.29 -16.53
CA LEU C 35 6.67 2.50 -16.72
C LEU C 35 5.38 3.23 -16.72
N ALA C 36 4.43 2.61 -17.39
CA ALA C 36 3.12 3.19 -17.53
C ALA C 36 2.04 2.50 -16.73
N THR C 37 1.14 3.32 -16.21
CA THR C 37 -0.02 2.84 -15.50
C THR C 37 -1.10 3.66 -16.17
N SER C 38 -2.22 3.02 -16.49
CA SER C 38 -3.31 3.72 -17.14
C SER C 38 -4.46 3.83 -16.16
N GLU C 39 -5.44 4.64 -16.51
CA GLU C 39 -6.59 4.83 -15.66
C GLU C 39 -7.73 5.24 -16.58
N SER C 40 -8.95 4.90 -16.20
CA SER C 40 -10.08 5.19 -17.06
C SER C 40 -11.33 5.70 -16.34
N TRP C 41 -12.18 6.40 -17.07
CA TRP C 41 -13.39 6.97 -16.48
C TRP C 41 -14.24 7.59 -17.62
N ARG C 42 -15.36 8.22 -17.35
CA ARG C 42 -16.09 8.84 -18.47
C ARG C 42 -17.06 9.88 -17.92
N ASP C 43 -16.49 10.96 -17.40
CA ASP C 43 -17.26 12.03 -16.77
C ASP C 43 -18.23 12.82 -17.64
N LYS C 44 -17.78 13.62 -18.61
CA LYS C 44 -18.83 14.35 -19.32
C LYS C 44 -19.50 13.80 -20.56
N ALA C 45 -20.33 12.78 -20.29
CA ALA C 45 -21.22 12.09 -21.22
C ALA C 45 -20.85 11.01 -22.25
N THR C 46 -20.39 9.87 -21.77
CA THR C 46 -20.11 8.71 -22.62
C THR C 46 -18.91 8.68 -23.53
N GLY C 47 -18.08 9.73 -23.58
CA GLY C 47 -16.92 9.77 -24.47
C GLY C 47 -16.33 8.48 -25.07
N GLU C 48 -17.07 7.38 -25.04
CA GLU C 48 -16.67 6.04 -25.52
C GLU C 48 -15.35 5.61 -24.90
N MET C 49 -14.65 6.58 -24.35
CA MET C 49 -13.37 6.36 -23.69
C MET C 49 -12.99 7.63 -22.97
N LYS C 50 -12.05 7.49 -22.05
CA LYS C 50 -11.47 8.57 -21.28
C LYS C 50 -10.29 7.96 -20.55
N GLU C 51 -9.39 7.41 -21.36
CA GLU C 51 -8.16 6.78 -20.89
C GLU C 51 -7.23 7.91 -20.48
N GLN C 52 -6.05 7.54 -19.99
CA GLN C 52 -5.07 8.52 -19.52
C GLN C 52 -3.90 7.72 -18.94
N THR C 53 -2.79 7.66 -19.67
CA THR C 53 -1.64 6.91 -19.22
C THR C 53 -0.70 7.78 -18.40
N GLU C 54 -0.07 7.22 -17.37
CA GLU C 54 0.86 7.95 -16.53
C GLU C 54 2.20 7.25 -16.66
N TRP C 55 3.26 8.04 -16.78
CA TRP C 55 4.60 7.49 -16.91
C TRP C 55 5.38 7.72 -15.64
N HIS C 56 6.08 6.69 -15.18
CA HIS C 56 6.84 6.78 -13.97
C HIS C 56 8.26 6.46 -14.31
N ARG C 57 9.19 7.12 -13.63
CA ARG C 57 10.62 6.92 -13.84
C ARG C 57 11.14 6.17 -12.66
N VAL C 58 11.40 4.90 -12.88
CA VAL C 58 11.90 4.03 -11.82
C VAL C 58 13.40 3.83 -11.95
N VAL C 59 14.11 3.81 -10.83
CA VAL C 59 15.53 3.61 -10.90
C VAL C 59 15.98 2.51 -9.94
N LEU C 60 16.64 1.50 -10.49
CA LEU C 60 17.13 0.39 -9.68
C LEU C 60 18.66 0.46 -9.52
N PHE C 61 19.15 -0.19 -8.49
CA PHE C 61 20.58 -0.19 -8.23
C PHE C 61 21.08 -1.62 -8.03
N GLY C 62 22.39 -1.78 -7.94
CA GLY C 62 22.99 -3.10 -7.73
C GLY C 62 22.37 -4.33 -8.38
N LYS C 63 22.10 -5.33 -7.55
CA LYS C 63 21.51 -6.58 -7.98
C LYS C 63 20.34 -6.42 -8.93
N LEU C 64 19.32 -5.72 -8.46
CA LEU C 64 18.10 -5.50 -9.22
C LEU C 64 18.36 -4.78 -10.52
N ALA C 65 19.34 -3.90 -10.55
CA ALA C 65 19.65 -3.17 -11.77
C ALA C 65 20.03 -4.20 -12.84
N GLU C 66 20.88 -5.15 -12.48
CA GLU C 66 21.33 -6.18 -13.40
C GLU C 66 20.21 -7.15 -13.74
N VAL C 67 19.41 -7.53 -12.76
CA VAL C 67 18.33 -8.44 -13.08
C VAL C 67 17.45 -7.85 -14.18
N ALA C 68 17.08 -6.59 -14.00
CA ALA C 68 16.25 -5.92 -14.98
C ALA C 68 17.03 -5.96 -16.27
N SER C 69 18.30 -5.59 -16.21
CA SER C 69 19.16 -5.60 -17.38
C SER C 69 19.09 -6.91 -18.16
N GLU C 70 19.08 -8.03 -17.44
CA GLU C 70 19.06 -9.34 -18.07
C GLU C 70 17.69 -9.91 -18.41
N TYR C 71 16.64 -9.54 -17.67
CA TYR C 71 15.32 -10.12 -17.95
C TYR C 71 14.17 -9.20 -18.28
N LEU C 72 14.36 -7.91 -18.11
CA LEU C 72 13.30 -6.95 -18.43
C LEU C 72 13.51 -6.36 -19.83
N ARG C 73 12.49 -6.48 -20.67
CA ARG C 73 12.55 -5.93 -22.01
C ARG C 73 11.35 -5.02 -22.07
N LYS C 74 11.27 -4.23 -23.14
CA LYS C 74 10.19 -3.28 -23.35
C LYS C 74 8.90 -3.65 -22.63
N GLY C 75 8.09 -4.53 -23.24
CA GLY C 75 6.82 -4.92 -22.65
C GLY C 75 6.66 -5.46 -21.23
N SER C 76 7.73 -5.96 -20.63
CA SER C 76 7.68 -6.53 -19.29
C SER C 76 6.72 -5.86 -18.35
N GLN C 77 6.01 -6.67 -17.57
CA GLN C 77 5.10 -6.14 -16.58
C GLN C 77 5.82 -6.41 -15.29
N VAL C 78 5.89 -5.41 -14.44
CA VAL C 78 6.63 -5.56 -13.22
C VAL C 78 5.95 -4.91 -12.01
N TYR C 79 6.31 -5.39 -10.82
CA TYR C 79 5.77 -4.87 -9.57
C TYR C 79 6.90 -4.15 -8.95
N ILE C 80 6.65 -2.92 -8.51
CA ILE C 80 7.68 -2.12 -7.90
C ILE C 80 7.25 -1.51 -6.58
N GLU C 81 8.15 -1.56 -5.61
CA GLU C 81 7.90 -0.96 -4.32
C GLU C 81 9.15 -0.19 -4.05
N GLY C 82 9.06 1.15 -3.99
CA GLY C 82 10.22 1.98 -3.72
C GLY C 82 9.85 3.26 -2.97
N GLN C 83 10.73 4.24 -3.02
CA GLN C 83 10.46 5.53 -2.39
C GLN C 83 10.65 6.66 -3.40
N LEU C 84 9.95 7.75 -3.17
CA LEU C 84 10.04 8.89 -4.07
C LEU C 84 11.24 9.69 -3.68
N ARG C 85 11.98 10.18 -4.67
CA ARG C 85 13.13 11.03 -4.42
C ARG C 85 13.20 12.06 -5.53
N THR C 86 13.26 13.33 -5.16
CA THR C 86 13.35 14.37 -6.17
C THR C 86 14.75 14.93 -6.16
N ARG C 87 15.47 14.81 -7.28
CA ARG C 87 16.82 15.33 -7.27
C ARG C 87 17.00 16.61 -8.08
N LYS C 88 17.87 17.48 -7.54
CA LYS C 88 18.15 18.71 -8.21
C LYS C 88 19.46 18.60 -8.95
N TRP C 89 19.44 19.07 -10.18
CA TRP C 89 20.63 19.07 -11.00
C TRP C 89 20.60 20.35 -11.85
N THR C 90 21.73 20.72 -12.47
CA THR C 90 21.76 21.99 -13.22
C THR C 90 21.71 21.72 -14.72
N ASP C 91 21.21 22.42 -15.68
CA ASP C 91 21.24 21.96 -17.09
C ASP C 91 22.33 22.70 -17.91
N GLN C 92 22.32 22.48 -19.23
CA GLN C 92 23.27 23.14 -20.13
C GLN C 92 23.38 24.65 -19.91
N SER C 93 22.24 25.33 -19.97
CA SER C 93 22.22 26.76 -19.78
C SER C 93 22.47 27.18 -18.34
N GLY C 94 22.82 26.21 -17.49
CA GLY C 94 23.09 26.51 -16.10
C GLY C 94 21.87 26.81 -15.24
N GLN C 95 20.69 26.40 -15.70
CA GLN C 95 19.43 26.61 -14.97
C GLN C 95 19.14 25.41 -14.07
N ASP C 96 18.46 25.67 -12.96
CA ASP C 96 18.12 24.64 -11.99
C ASP C 96 16.95 23.76 -12.46
N ARG C 97 17.14 22.44 -12.35
CA ARG C 97 16.13 21.45 -12.71
C ARG C 97 15.88 20.44 -11.61
N TYR C 98 14.63 19.99 -11.53
CA TYR C 98 14.23 19.01 -10.52
C TYR C 98 13.62 17.76 -11.19
N THR C 99 14.05 16.58 -10.76
CA THR C 99 13.46 15.35 -11.33
C THR C 99 13.06 14.45 -10.23
N THR C 100 11.80 14.03 -10.24
CA THR C 100 11.28 13.13 -9.24
C THR C 100 11.25 11.69 -9.76
N GLU C 101 11.66 10.75 -8.91
CA GLU C 101 11.72 9.36 -9.30
C GLU C 101 11.34 8.45 -8.17
N VAL C 102 11.04 7.22 -8.55
CA VAL C 102 10.75 6.17 -7.61
C VAL C 102 12.04 5.40 -7.66
N VAL C 103 12.82 5.49 -6.60
CA VAL C 103 14.07 4.76 -6.54
C VAL C 103 13.84 3.50 -5.72
N VAL C 104 14.34 2.37 -6.21
CA VAL C 104 14.17 1.16 -5.46
C VAL C 104 15.47 0.96 -4.71
N ASN C 105 15.40 1.21 -3.40
CA ASN C 105 16.56 1.13 -2.52
C ASN C 105 16.45 0.08 -1.41
N VAL C 106 16.84 0.48 -0.19
CA VAL C 106 16.85 -0.37 1.01
C VAL C 106 15.74 -1.39 1.06
N GLY C 107 14.58 -0.99 1.58
CA GLY C 107 13.45 -1.90 1.66
C GLY C 107 12.61 -1.97 0.38
N GLY C 108 13.22 -1.67 -0.77
CA GLY C 108 12.49 -1.70 -2.02
C GLY C 108 12.26 -3.10 -2.55
N THR C 109 12.00 -3.19 -3.84
CA THR C 109 11.78 -4.46 -4.50
C THR C 109 11.12 -4.34 -5.85
N MET C 110 11.53 -5.22 -6.75
CA MET C 110 10.98 -5.23 -8.09
C MET C 110 10.71 -6.69 -8.40
N GLN C 111 9.74 -6.93 -9.26
CA GLN C 111 9.50 -8.30 -9.59
C GLN C 111 8.66 -8.39 -10.83
N MET C 112 9.10 -9.25 -11.74
CA MET C 112 8.44 -9.43 -13.00
C MET C 112 7.14 -10.18 -12.76
N LEU C 113 6.12 -9.83 -13.52
CA LEU C 113 4.84 -10.46 -13.38
C LEU C 113 4.54 -11.36 -14.57
N ALA D 2 -8.48 2.26 -14.12
CA ALA D 2 -7.07 1.98 -14.09
C ALA D 2 -6.77 0.68 -14.78
N SER D 3 -6.80 0.71 -16.11
CA SER D 3 -6.39 -0.47 -16.86
C SER D 3 -4.92 -0.45 -16.47
N ARG D 4 -4.16 -1.38 -16.99
CA ARG D 4 -2.77 -1.38 -16.64
C ARG D 4 -2.67 -1.32 -15.13
N GLY D 5 -1.43 -1.32 -14.70
CA GLY D 5 -1.18 -1.53 -13.30
C GLY D 5 -1.82 -0.71 -12.22
N VAL D 6 -0.95 -0.53 -11.23
CA VAL D 6 -1.20 0.16 -9.98
C VAL D 6 -0.27 1.35 -9.92
N ASN D 7 -0.81 2.45 -9.41
CA ASN D 7 -0.09 3.69 -9.23
C ASN D 7 -0.57 4.15 -7.87
N LYS D 8 0.29 4.05 -6.87
CA LYS D 8 -0.12 4.43 -5.54
C LYS D 8 1.04 4.80 -4.71
N VAL D 9 0.84 5.80 -3.86
CA VAL D 9 1.89 6.27 -2.98
C VAL D 9 1.19 6.43 -1.66
N ILE D 10 1.94 6.11 -0.60
CA ILE D 10 1.48 6.15 0.79
C ILE D 10 2.51 6.94 1.52
N LEU D 11 2.06 8.00 2.17
CA LEU D 11 2.98 8.85 2.90
C LEU D 11 2.44 9.10 4.30
N VAL D 12 3.36 9.28 5.22
CA VAL D 12 3.06 9.58 6.59
C VAL D 12 4.20 10.54 6.88
N GLY D 13 3.86 11.79 7.21
CA GLY D 13 4.88 12.79 7.46
C GLY D 13 4.18 14.03 7.97
N ASN D 14 4.92 15.11 8.21
CA ASN D 14 4.31 16.34 8.73
C ASN D 14 4.38 17.50 7.73
N LEU D 15 3.34 18.33 7.72
CA LEU D 15 3.27 19.48 6.82
C LEU D 15 4.36 20.46 7.14
N GLY D 16 5.03 20.96 6.12
CA GLY D 16 6.09 21.90 6.37
C GLY D 16 5.56 23.31 6.46
N GLN D 17 4.27 23.42 6.24
CA GLN D 17 3.68 24.74 6.19
C GLN D 17 2.16 24.60 6.10
N ASP D 18 1.45 25.52 6.75
CA ASP D 18 -0.01 25.57 6.72
C ASP D 18 -0.52 25.28 5.30
N PRO D 19 -1.65 24.56 5.20
CA PRO D 19 -2.24 24.21 3.91
C PRO D 19 -2.56 25.44 3.01
N GLU D 20 -2.04 25.47 1.80
CA GLU D 20 -2.36 26.57 0.90
C GLU D 20 -3.61 26.15 0.12
N VAL D 21 -4.79 26.53 0.63
CA VAL D 21 -6.08 26.23 0.00
C VAL D 21 -6.51 27.24 -1.06
N ARG D 22 -6.96 26.75 -2.21
CA ARG D 22 -7.40 27.62 -3.30
C ARG D 22 -8.72 27.06 -3.84
N TYR D 23 -9.44 27.86 -4.61
CA TYR D 23 -10.72 27.47 -5.17
C TYR D 23 -10.67 27.56 -6.70
N MET D 24 -10.31 26.47 -7.36
CA MET D 24 -10.23 26.49 -8.82
C MET D 24 -11.56 27.01 -9.44
N PRO D 25 -11.72 26.95 -10.77
CA PRO D 25 -12.99 27.45 -11.29
C PRO D 25 -14.29 26.80 -10.71
N ASN D 26 -15.23 26.46 -11.58
CA ASN D 26 -16.45 25.84 -11.11
C ASN D 26 -16.05 24.77 -10.11
N GLY D 27 -16.30 25.03 -8.83
CA GLY D 27 -15.97 24.04 -7.84
C GLY D 27 -14.65 24.31 -7.15
N GLY D 28 -14.64 25.36 -6.33
CA GLY D 28 -13.42 25.71 -5.62
C GLY D 28 -13.06 24.75 -4.50
N ALA D 29 -12.01 23.97 -4.69
CA ALA D 29 -11.60 23.06 -3.64
C ALA D 29 -10.33 22.38 -4.08
N VAL D 30 -9.21 23.01 -3.76
CA VAL D 30 -7.92 22.45 -4.08
C VAL D 30 -6.93 22.89 -3.03
N ALA D 31 -6.53 21.96 -2.19
CA ALA D 31 -5.57 22.29 -1.17
C ALA D 31 -4.21 21.73 -1.59
N ASN D 32 -3.14 22.44 -1.26
CA ASN D 32 -1.82 21.97 -1.57
C ASN D 32 -1.08 21.97 -0.28
N ILE D 33 -0.37 20.88 -0.05
CA ILE D 33 0.38 20.73 1.17
C ILE D 33 1.76 20.24 0.75
N THR D 34 2.70 20.39 1.66
CA THR D 34 4.08 19.99 1.43
C THR D 34 4.45 19.18 2.62
N LEU D 35 4.55 17.87 2.40
CA LEU D 35 4.83 16.89 3.44
C LEU D 35 6.30 16.47 3.50
N ALA D 36 6.78 16.35 4.74
CA ALA D 36 8.15 15.98 5.02
C ALA D 36 8.23 14.58 5.60
N THR D 37 9.15 13.80 5.05
CA THR D 37 9.39 12.46 5.53
C THR D 37 10.90 12.38 5.60
N SER D 38 11.46 11.82 6.66
CA SER D 38 12.91 11.75 6.71
C SER D 38 13.46 10.40 7.13
N GLU D 39 14.78 10.26 7.04
CA GLU D 39 15.40 9.03 7.44
C GLU D 39 16.83 9.15 7.95
N SER D 40 17.05 8.47 9.07
CA SER D 40 18.32 8.43 9.78
C SER D 40 19.05 7.17 9.34
N TRP D 41 20.15 6.84 9.99
CA TRP D 41 20.93 5.68 9.60
C TRP D 41 22.25 5.61 10.37
N GLU D 51 20.45 12.48 9.00
CA GLU D 51 18.99 12.42 8.67
C GLU D 51 18.64 13.15 7.35
N GLN D 52 18.35 12.34 6.33
CA GLN D 52 18.02 12.79 4.98
C GLN D 52 16.52 12.89 4.75
N THR D 53 16.04 14.11 4.58
CA THR D 53 14.60 14.31 4.39
C THR D 53 14.22 14.55 2.94
N GLU D 54 12.94 14.32 2.62
CA GLU D 54 12.37 14.49 1.28
C GLU D 54 11.07 15.25 1.39
N TRP D 55 10.88 16.20 0.49
CA TRP D 55 9.66 16.98 0.52
C TRP D 55 8.75 16.48 -0.56
N HIS D 56 7.44 16.45 -0.24
CA HIS D 56 6.40 15.97 -1.16
C HIS D 56 5.30 17.00 -1.39
N ARG D 57 4.81 17.06 -2.63
CA ARG D 57 3.74 17.94 -3.01
C ARG D 57 2.51 17.10 -3.08
N VAL D 58 1.58 17.33 -2.18
CA VAL D 58 0.34 16.57 -2.15
C VAL D 58 -0.78 17.56 -2.43
N VAL D 59 -1.67 17.25 -3.37
CA VAL D 59 -2.79 18.16 -3.64
C VAL D 59 -4.08 17.43 -3.32
N LEU D 60 -4.87 18.01 -2.41
CA LEU D 60 -6.13 17.43 -1.99
C LEU D 60 -7.27 18.12 -2.70
N PHE D 61 -8.34 17.39 -3.01
CA PHE D 61 -9.47 18.05 -3.67
C PHE D 61 -10.76 17.93 -2.87
N GLY D 62 -11.80 18.61 -3.36
CA GLY D 62 -13.09 18.59 -2.70
C GLY D 62 -13.15 18.58 -1.18
N LYS D 63 -13.92 17.64 -0.62
CA LYS D 63 -14.07 17.50 0.82
C LYS D 63 -12.72 17.44 1.58
N LEU D 64 -11.84 16.56 1.13
CA LEU D 64 -10.51 16.40 1.71
C LEU D 64 -9.83 17.75 1.74
N ALA D 65 -10.09 18.51 0.68
CA ALA D 65 -9.52 19.84 0.53
C ALA D 65 -9.97 20.74 1.70
N GLU D 66 -11.29 20.87 1.87
CA GLU D 66 -11.80 21.70 2.94
C GLU D 66 -11.31 21.24 4.30
N VAL D 67 -11.35 19.94 4.59
CA VAL D 67 -10.86 19.46 5.89
C VAL D 67 -9.41 19.84 6.15
N ALA D 68 -8.58 19.73 5.12
CA ALA D 68 -7.17 20.08 5.22
C ALA D 68 -7.11 21.54 5.64
N SER D 69 -7.84 22.36 4.91
CA SER D 69 -7.91 23.78 5.19
C SER D 69 -8.40 24.00 6.60
N GLU D 70 -9.48 23.31 6.94
CA GLU D 70 -10.11 23.41 8.26
C GLU D 70 -9.25 22.95 9.45
N TYR D 71 -8.82 21.69 9.44
CA TYR D 71 -8.05 21.14 10.56
C TYR D 71 -6.52 21.02 10.44
N LEU D 72 -5.95 21.00 9.24
CA LEU D 72 -4.51 20.85 9.15
C LEU D 72 -3.75 22.17 9.27
N ARG D 73 -2.66 22.15 10.05
CA ARG D 73 -1.84 23.35 10.25
C ARG D 73 -0.37 22.97 10.20
N LYS D 74 0.48 23.95 9.98
CA LYS D 74 1.93 23.74 9.87
C LYS D 74 2.44 22.36 10.24
N GLY D 75 3.07 22.22 11.41
CA GLY D 75 3.67 20.97 11.84
C GLY D 75 2.84 19.69 11.93
N SER D 76 1.60 19.74 11.47
CA SER D 76 0.68 18.62 11.52
C SER D 76 1.20 17.32 10.83
N GLN D 77 0.88 16.16 11.41
CA GLN D 77 1.27 14.83 10.92
C GLN D 77 0.08 14.17 10.24
N VAL D 78 0.24 13.79 8.98
CA VAL D 78 -0.88 13.16 8.30
C VAL D 78 -0.49 11.85 7.62
N TYR D 79 -1.51 11.10 7.21
CA TYR D 79 -1.32 9.85 6.50
C TYR D 79 -2.00 10.14 5.17
N ILE D 80 -1.33 9.82 4.06
CA ILE D 80 -1.86 10.11 2.74
C ILE D 80 -1.80 8.92 1.80
N GLU D 81 -2.90 8.60 1.14
CA GLU D 81 -2.93 7.52 0.15
C GLU D 81 -3.38 8.15 -1.21
N GLY D 82 -2.47 8.23 -2.19
CA GLY D 82 -2.83 8.82 -3.46
C GLY D 82 -2.18 8.21 -4.68
N GLN D 83 -2.17 8.96 -5.78
CA GLN D 83 -1.56 8.49 -7.01
C GLN D 83 -0.44 9.42 -7.41
N LEU D 84 0.40 8.94 -8.30
CA LEU D 84 1.50 9.75 -8.75
C LEU D 84 1.18 10.44 -10.07
N ARG D 85 1.20 11.77 -10.11
CA ARG D 85 0.94 12.51 -11.38
C ARG D 85 2.00 13.57 -11.70
N THR D 86 2.46 13.57 -12.93
CA THR D 86 3.44 14.56 -13.33
C THR D 86 2.89 15.36 -14.45
N ARG D 87 2.76 16.66 -14.22
CA ARG D 87 2.20 17.50 -15.26
C ARG D 87 3.17 18.46 -15.86
N LYS D 88 3.03 18.67 -17.16
CA LYS D 88 3.93 19.58 -17.83
C LYS D 88 3.30 20.95 -18.00
N TRP D 89 4.15 21.96 -17.96
CA TRP D 89 3.72 23.33 -18.15
C TRP D 89 4.92 24.15 -18.61
N THR D 90 4.74 24.99 -19.63
CA THR D 90 5.84 25.86 -20.11
C THR D 90 5.88 27.12 -19.21
N ASP D 91 7.06 27.54 -18.80
CA ASP D 91 7.15 28.70 -17.92
C ASP D 91 7.42 29.99 -18.68
N GLN D 92 7.32 31.12 -17.99
CA GLN D 92 7.55 32.40 -18.65
C GLN D 92 8.97 32.49 -19.14
N SER D 93 9.33 31.64 -20.08
CA SER D 93 10.68 31.66 -20.55
C SER D 93 10.64 30.80 -21.77
N GLY D 94 9.51 30.12 -21.94
CA GLY D 94 9.35 29.26 -23.09
C GLY D 94 9.97 27.90 -22.85
N GLN D 95 10.40 27.66 -21.63
CA GLN D 95 11.00 26.37 -21.27
C GLN D 95 9.98 25.39 -20.64
N ASP D 96 9.90 24.19 -21.22
CA ASP D 96 9.00 23.15 -20.72
C ASP D 96 9.45 22.66 -19.35
N ARG D 97 8.50 22.56 -18.43
CA ARG D 97 8.81 22.11 -17.09
C ARG D 97 7.85 21.00 -16.74
N TYR D 98 8.24 20.13 -15.82
CA TYR D 98 7.39 19.06 -15.35
C TYR D 98 7.30 19.07 -13.85
N THR D 99 6.20 18.55 -13.36
CA THR D 99 6.07 18.48 -11.94
C THR D 99 5.19 17.35 -11.51
N THR D 100 5.81 16.55 -10.65
CA THR D 100 5.17 15.37 -10.14
C THR D 100 4.70 15.67 -8.73
N GLU D 101 3.49 15.17 -8.43
CA GLU D 101 2.92 15.31 -7.12
C GLU D 101 2.04 14.12 -6.81
N VAL D 102 1.69 14.01 -5.54
CA VAL D 102 0.84 12.96 -5.05
C VAL D 102 -0.53 13.57 -4.95
N VAL D 103 -1.48 13.01 -5.68
CA VAL D 103 -2.82 13.54 -5.67
C VAL D 103 -3.82 12.62 -5.04
N VAL D 104 -4.59 13.15 -4.13
CA VAL D 104 -5.56 12.34 -3.46
C VAL D 104 -6.92 12.44 -4.12
N ASN D 105 -7.19 11.51 -5.05
CA ASN D 105 -8.48 11.51 -5.77
C ASN D 105 -9.39 10.32 -5.47
N VAL D 106 -9.52 9.47 -6.49
CA VAL D 106 -10.32 8.26 -6.46
C VAL D 106 -10.18 7.47 -5.16
N GLY D 107 -9.51 6.33 -5.23
CA GLY D 107 -9.38 5.50 -4.07
C GLY D 107 -8.28 5.97 -3.15
N GLY D 108 -8.26 7.28 -2.93
CA GLY D 108 -7.24 7.88 -2.08
C GLY D 108 -7.87 8.39 -0.80
N THR D 109 -7.05 8.76 0.16
CA THR D 109 -7.54 9.21 1.46
C THR D 109 -6.47 10.09 2.14
N MET D 110 -6.92 10.87 3.11
CA MET D 110 -6.08 11.73 3.90
C MET D 110 -6.63 11.47 5.32
N GLN D 111 -5.78 11.60 6.33
CA GLN D 111 -6.20 11.38 7.68
C GLN D 111 -5.24 12.02 8.65
N MET D 112 -5.79 12.72 9.64
CA MET D 112 -5.02 13.40 10.68
C MET D 112 -4.50 12.38 11.67
N LEU D 113 -3.21 12.40 11.98
CA LEU D 113 -2.70 11.42 12.93
C LEU D 113 -2.47 12.04 14.28
N GLY D 114 -2.80 11.27 15.31
CA GLY D 114 -2.65 11.67 16.71
C GLY D 114 -3.63 12.75 17.13
N ALA E 2 10.98 -14.86 -1.17
CA ALA E 2 9.55 -14.65 -1.51
C ALA E 2 9.25 -14.28 -2.94
N SER E 3 9.63 -15.18 -3.83
CA SER E 3 9.29 -14.95 -5.20
C SER E 3 7.76 -15.12 -5.09
N ARG E 4 7.05 -15.23 -6.21
CA ARG E 4 5.61 -15.37 -6.13
C ARG E 4 4.99 -14.28 -5.22
N GLY E 5 4.26 -13.38 -5.86
CA GLY E 5 3.60 -12.26 -5.23
C GLY E 5 4.17 -11.41 -4.12
N VAL E 6 3.22 -10.64 -3.62
CA VAL E 6 3.40 -9.69 -2.56
C VAL E 6 2.40 -10.07 -1.49
N ASN E 7 2.81 -9.90 -0.25
CA ASN E 7 1.97 -10.16 0.91
C ASN E 7 2.36 -9.00 1.81
N LYS E 8 1.43 -8.08 2.01
CA LYS E 8 1.77 -6.91 2.77
C LYS E 8 0.54 -6.26 3.33
N VAL E 9 0.59 -5.87 4.59
CA VAL E 9 -0.52 -5.16 5.21
C VAL E 9 0.09 -3.95 5.90
N ILE E 10 -0.66 -2.87 5.89
CA ILE E 10 -0.25 -1.61 6.43
C ILE E 10 -1.39 -1.22 7.35
N LEU E 11 -1.06 -0.91 8.58
CA LEU E 11 -2.09 -0.53 9.49
C LEU E 11 -1.64 0.71 10.21
N VAL E 12 -2.64 1.46 10.67
CA VAL E 12 -2.48 2.69 11.43
C VAL E 12 -3.64 2.57 12.41
N GLY E 13 -3.36 2.50 13.69
CA GLY E 13 -4.43 2.35 14.66
C GLY E 13 -3.84 2.46 16.04
N ASN E 14 -4.64 2.27 17.08
CA ASN E 14 -4.09 2.40 18.43
C ASN E 14 -4.15 1.10 19.20
N LEU E 15 -3.14 0.84 20.03
CA LEU E 15 -3.08 -0.38 20.85
C LEU E 15 -4.26 -0.45 21.82
N GLY E 16 -4.89 -1.61 21.93
CA GLY E 16 -6.02 -1.73 22.83
C GLY E 16 -5.56 -2.13 24.20
N GLN E 17 -4.25 -2.38 24.34
CA GLN E 17 -3.68 -2.80 25.60
C GLN E 17 -2.17 -2.81 25.54
N ASP E 18 -1.53 -2.45 26.65
CA ASP E 18 -0.07 -2.43 26.72
C ASP E 18 0.52 -3.63 26.02
N PRO E 19 1.67 -3.42 25.36
CA PRO E 19 2.32 -4.52 24.65
C PRO E 19 2.71 -5.70 25.53
N GLU E 20 2.28 -6.90 25.16
CA GLU E 20 2.64 -8.07 25.93
C GLU E 20 3.94 -8.62 25.35
N VAL E 21 5.07 -8.22 25.93
CA VAL E 21 6.37 -8.71 25.47
C VAL E 21 6.84 -9.97 26.19
N ARG E 22 7.37 -10.89 25.39
CA ARG E 22 7.87 -12.16 25.87
C ARG E 22 9.23 -12.43 25.24
N TYR E 23 9.97 -13.37 25.79
CA TYR E 23 11.29 -13.69 25.26
C TYR E 23 11.37 -15.15 24.85
N MET E 24 11.16 -15.42 23.56
CA MET E 24 11.21 -16.80 23.00
C MET E 24 12.50 -17.53 23.44
N PRO E 25 12.76 -18.77 22.95
CA PRO E 25 14.00 -19.43 23.39
C PRO E 25 15.24 -18.60 23.06
N ASN E 26 16.25 -19.25 22.50
CA ASN E 26 17.47 -18.53 22.14
C ASN E 26 17.05 -17.23 21.44
N GLY E 27 17.23 -16.10 22.12
CA GLY E 27 16.87 -14.82 21.52
C GLY E 27 15.49 -14.34 21.94
N GLY E 28 15.36 -13.93 23.20
CA GLY E 28 14.08 -13.45 23.69
C GLY E 28 13.71 -12.08 23.15
N ALA E 29 12.69 -12.04 22.28
CA ALA E 29 12.26 -10.77 21.71
C ALA E 29 11.03 -11.02 20.86
N VAL E 30 9.87 -10.96 21.50
CA VAL E 30 8.61 -11.19 20.82
C VAL E 30 7.54 -10.36 21.47
N ALA E 31 7.15 -9.25 20.86
CA ALA E 31 6.08 -8.48 21.46
C ALA E 31 4.81 -8.74 20.68
N ASN E 32 3.71 -8.72 21.40
CA ASN E 32 2.42 -8.93 20.81
C ASN E 32 1.55 -7.76 21.15
N ILE E 33 0.95 -7.16 20.14
CA ILE E 33 0.07 -6.04 20.38
C ILE E 33 -1.25 -6.33 19.70
N THR E 34 -2.26 -5.58 20.09
CA THR E 34 -3.59 -5.73 19.51
C THR E 34 -4.03 -4.34 19.10
N LEU E 35 -4.04 -4.09 17.80
CA LEU E 35 -4.38 -2.80 17.25
C LEU E 35 -5.80 -2.71 16.80
N ALA E 36 -6.35 -1.52 17.00
CA ALA E 36 -7.71 -1.24 16.59
C ALA E 36 -7.73 -0.19 15.49
N THR E 37 -8.56 -0.44 14.49
CA THR E 37 -8.73 0.49 13.39
C THR E 37 -10.26 0.49 13.25
N SER E 38 -10.83 1.68 13.04
CA SER E 38 -12.29 1.76 12.95
C SER E 38 -12.79 2.50 11.73
N GLU E 39 -14.09 2.36 11.51
CA GLU E 39 -14.76 2.99 10.40
C GLU E 39 -16.18 3.50 10.68
N SER E 40 -16.45 4.76 10.34
CA SER E 40 -17.77 5.39 10.49
C SER E 40 -18.42 5.43 9.10
N TRP E 41 -19.54 6.12 8.93
CA TRP E 41 -20.16 6.27 7.63
C TRP E 41 -21.59 6.76 7.64
N ARG E 42 -21.77 8.07 7.76
CA ARG E 42 -23.14 8.60 7.74
C ARG E 42 -23.81 7.83 6.60
N ASP E 43 -24.74 6.90 6.90
CA ASP E 43 -25.33 6.08 5.83
C ASP E 43 -26.86 6.06 5.71
N LYS E 44 -27.33 6.37 4.49
CA LYS E 44 -28.74 6.43 4.09
C LYS E 44 -29.79 5.79 5.01
N ALA E 45 -30.71 6.64 5.44
CA ALA E 45 -31.81 6.36 6.37
C ALA E 45 -31.38 7.09 7.63
N THR E 46 -31.14 8.39 7.44
CA THR E 46 -30.71 9.42 8.40
C THR E 46 -29.55 9.16 9.36
N GLY E 47 -29.18 7.90 9.54
CA GLY E 47 -28.10 7.56 10.46
C GLY E 47 -27.12 8.63 10.90
N GLU E 48 -26.00 8.71 10.18
CA GLU E 48 -24.89 9.64 10.44
C GLU E 48 -23.91 8.95 11.37
N MET E 49 -22.73 8.63 10.85
CA MET E 49 -21.73 7.92 11.64
C MET E 49 -22.34 6.60 12.07
N LYS E 50 -21.88 5.51 11.50
CA LYS E 50 -22.35 4.20 11.93
C LYS E 50 -21.04 3.44 12.04
N GLU E 51 -20.28 3.72 13.11
CA GLU E 51 -18.97 3.09 13.32
C GLU E 51 -18.96 1.56 13.33
N GLN E 52 -17.77 1.02 13.12
CA GLN E 52 -17.47 -0.42 13.12
C GLN E 52 -15.96 -0.61 13.18
N THR E 53 -15.51 -1.12 14.31
CA THR E 53 -14.12 -1.34 14.61
C THR E 53 -13.65 -2.79 14.29
N GLU E 54 -12.35 -2.94 14.07
CA GLU E 54 -11.75 -4.25 13.77
C GLU E 54 -10.46 -4.37 14.61
N TRP E 55 -10.28 -5.55 15.22
CA TRP E 55 -9.11 -5.76 16.03
C TRP E 55 -8.10 -6.53 15.30
N HIS E 56 -6.82 -6.16 15.46
CA HIS E 56 -5.71 -6.85 14.78
C HIS E 56 -4.66 -7.36 15.73
N ARG E 57 -4.09 -8.53 15.41
CA ARG E 57 -3.02 -9.17 16.18
C ARG E 57 -1.74 -8.87 15.43
N VAL E 58 -0.87 -8.06 16.01
CA VAL E 58 0.40 -7.70 15.38
C VAL E 58 1.50 -8.23 16.30
N VAL E 59 2.45 -8.98 15.74
CA VAL E 59 3.53 -9.51 16.55
C VAL E 59 4.82 -8.88 16.08
N LEU E 60 5.50 -8.19 16.98
CA LEU E 60 6.76 -7.58 16.63
C LEU E 60 7.87 -8.48 17.12
N PHE E 61 9.00 -8.46 16.44
CA PHE E 61 10.16 -9.27 16.81
C PHE E 61 11.41 -8.43 17.16
N GLY E 62 12.42 -9.08 17.73
CA GLY E 62 13.66 -8.40 18.06
C GLY E 62 13.63 -6.95 18.53
N LYS E 63 14.40 -6.10 17.86
CA LYS E 63 14.51 -4.68 18.18
C LYS E 63 13.16 -4.00 18.30
N LEU E 64 12.32 -4.16 17.26
CA LEU E 64 10.99 -3.57 17.26
C LEU E 64 10.22 -4.08 18.49
N ALA E 65 10.54 -5.30 18.89
CA ALA E 65 9.93 -5.92 20.04
C ALA E 65 10.23 -5.06 21.25
N GLU E 66 11.52 -4.92 21.54
CA GLU E 66 11.99 -4.14 22.66
C GLU E 66 11.37 -2.75 22.70
N VAL E 67 11.47 -2.04 21.58
CA VAL E 67 10.93 -0.69 21.51
C VAL E 67 9.45 -0.65 21.88
N ALA E 68 8.70 -1.63 21.39
CA ALA E 68 7.26 -1.72 21.65
C ALA E 68 7.08 -1.80 23.17
N SER E 69 7.84 -2.71 23.76
CA SER E 69 7.84 -2.91 25.22
C SER E 69 8.22 -1.62 25.89
N GLU E 70 9.30 -1.03 25.42
CA GLU E 70 9.84 0.20 25.98
C GLU E 70 8.92 1.42 25.89
N TYR E 71 8.57 1.83 24.67
CA TYR E 71 7.74 3.01 24.49
C TYR E 71 6.23 2.89 24.24
N LEU E 72 5.75 1.76 23.76
CA LEU E 72 4.31 1.65 23.49
C LEU E 72 3.48 1.26 24.70
N ARG E 73 2.38 1.97 24.92
CA ARG E 73 1.48 1.70 26.04
C ARG E 73 0.04 1.72 25.57
N LYS E 74 -0.87 1.14 26.36
CA LYS E 74 -2.27 1.04 25.98
C LYS E 74 -2.74 1.86 24.80
N GLY E 75 -3.40 3.00 25.06
CA GLY E 75 -3.96 3.81 23.96
C GLY E 75 -3.11 4.36 22.84
N SER E 76 -1.84 3.98 22.79
CA SER E 76 -0.94 4.51 21.80
C SER E 76 -1.31 4.21 20.36
N GLN E 77 -1.01 5.16 19.48
CA GLN E 77 -1.28 5.09 18.03
C GLN E 77 0.00 4.78 17.25
N VAL E 78 -0.04 3.70 16.49
CA VAL E 78 1.11 3.24 15.73
C VAL E 78 0.82 3.05 14.24
N TYR E 79 1.90 2.92 13.46
CA TYR E 79 1.83 2.68 12.04
C TYR E 79 2.57 1.36 11.93
N ILE E 80 1.99 0.39 11.24
CA ILE E 80 2.63 -0.91 11.14
C ILE E 80 2.68 -1.38 9.69
N GLU E 81 3.82 -1.91 9.27
CA GLU E 81 3.91 -2.47 7.94
C GLU E 81 4.41 -3.93 8.06
N GLY E 82 3.58 -4.91 7.74
CA GLY E 82 4.04 -6.28 7.86
C GLY E 82 3.44 -7.26 6.87
N GLN E 83 3.50 -8.56 7.19
CA GLN E 83 2.95 -9.61 6.33
C GLN E 83 1.82 -10.32 6.99
N LEU E 84 1.06 -11.03 6.18
CA LEU E 84 -0.05 -11.78 6.73
C LEU E 84 0.34 -13.23 6.96
N ARG E 85 0.20 -13.74 8.17
CA ARG E 85 0.45 -15.15 8.39
C ARG E 85 -0.55 -15.79 9.28
N THR E 86 -0.96 -16.97 8.87
CA THR E 86 -1.97 -17.70 9.58
C THR E 86 -1.39 -18.99 10.01
N ARG E 87 -1.33 -19.20 11.32
CA ARG E 87 -0.78 -20.45 11.77
C ARG E 87 -1.76 -21.40 12.44
N LYS E 88 -1.53 -22.68 12.23
CA LYS E 88 -2.36 -23.72 12.76
C LYS E 88 -1.85 -24.26 14.09
N TRP E 89 -2.78 -24.59 14.98
CA TRP E 89 -2.41 -25.16 16.26
C TRP E 89 -3.60 -25.95 16.79
N THR E 90 -3.36 -27.15 17.31
CA THR E 90 -4.43 -27.97 17.88
C THR E 90 -4.60 -27.53 19.32
N ASP E 91 -5.83 -27.34 19.77
CA ASP E 91 -6.14 -26.89 21.13
C ASP E 91 -6.38 -28.05 22.11
N GLN E 92 -6.44 -27.76 23.41
CA GLN E 92 -6.68 -28.81 24.40
C GLN E 92 -8.05 -29.38 24.18
N SER E 93 -8.29 -29.99 23.04
CA SER E 93 -9.59 -30.53 22.83
C SER E 93 -9.45 -31.35 21.62
N GLY E 94 -8.27 -31.28 21.02
CA GLY E 94 -8.00 -32.06 19.83
C GLY E 94 -8.52 -31.40 18.58
N GLN E 95 -8.99 -30.15 18.73
CA GLN E 95 -9.54 -29.38 17.62
C GLN E 95 -8.55 -28.46 16.98
N ASP E 96 -8.40 -28.59 15.67
CA ASP E 96 -7.49 -27.77 14.87
C ASP E 96 -7.99 -26.35 14.82
N ARG E 97 -7.11 -25.40 15.10
CA ARG E 97 -7.48 -23.99 15.03
C ARG E 97 -6.45 -23.22 14.29
N TYR E 98 -6.86 -22.10 13.74
CA TYR E 98 -5.98 -21.29 12.95
C TYR E 98 -5.98 -19.90 13.47
N THR E 99 -4.92 -19.17 13.20
CA THR E 99 -4.86 -17.81 13.68
C THR E 99 -3.97 -16.98 12.77
N THR E 100 -4.59 -15.91 12.30
CA THR E 100 -4.02 -14.98 11.38
C THR E 100 -3.56 -13.78 12.13
N GLU E 101 -2.35 -13.29 11.82
CA GLU E 101 -1.84 -12.06 12.40
C GLU E 101 -0.92 -11.38 11.45
N VAL E 102 -0.63 -10.11 11.77
CA VAL E 102 0.25 -9.25 10.98
C VAL E 102 1.58 -9.32 11.69
N VAL E 103 2.56 -9.83 11.00
CA VAL E 103 3.87 -10.00 11.54
C VAL E 103 4.89 -9.01 10.98
N VAL E 104 5.57 -8.28 11.86
CA VAL E 104 6.55 -7.32 11.40
C VAL E 104 7.96 -7.94 11.35
N ASN E 105 8.32 -8.45 10.17
CA ASN E 105 9.60 -9.11 9.99
C ASN E 105 10.57 -8.40 9.04
N VAL E 106 10.81 -9.08 7.92
CA VAL E 106 11.73 -8.61 6.87
C VAL E 106 11.56 -7.13 6.55
N GLY E 107 10.93 -6.87 5.40
CA GLY E 107 10.73 -5.49 4.98
C GLY E 107 9.55 -4.82 5.66
N GLY E 108 9.45 -4.99 6.98
CA GLY E 108 8.35 -4.41 7.72
C GLY E 108 8.90 -3.40 8.70
N THR E 109 8.01 -2.62 9.32
CA THR E 109 8.40 -1.65 10.32
C THR E 109 7.23 -1.28 11.19
N MET E 110 7.57 -0.62 12.29
CA MET E 110 6.62 -0.15 13.28
C MET E 110 7.12 1.28 13.53
N GLN E 111 6.20 2.17 13.93
CA GLN E 111 6.55 3.55 14.19
C GLN E 111 5.52 4.19 15.08
N MET E 112 5.96 4.90 16.10
CA MET E 112 5.03 5.57 17.01
C MET E 112 4.53 6.84 16.33
N LEU E 113 3.24 7.08 16.40
CA LEU E 113 2.70 8.27 15.78
C LEU E 113 2.39 9.32 16.83
N ALA F 2 -14.84 7.08 9.81
CA ALA F 2 -13.92 5.93 9.79
C ALA F 2 -12.48 6.30 9.60
N SER F 3 -12.06 7.34 10.27
CA SER F 3 -10.66 7.69 10.17
C SER F 3 -10.11 6.72 11.23
N ARG F 4 -9.66 7.23 12.37
CA ARG F 4 -9.14 6.35 13.39
C ARG F 4 -8.41 5.20 12.70
N GLY F 5 -7.26 5.55 12.14
CA GLY F 5 -6.44 4.54 11.48
C GLY F 5 -6.71 4.03 10.08
N VAL F 6 -5.83 3.11 9.67
CA VAL F 6 -5.86 2.50 8.36
C VAL F 6 -5.80 0.99 8.46
N ASN F 7 -6.59 0.33 7.63
CA ASN F 7 -6.64 -1.13 7.60
C ASN F 7 -6.37 -1.45 6.17
N LYS F 8 -5.14 -1.76 5.83
CA LYS F 8 -4.89 -2.00 4.43
C LYS F 8 -4.03 -3.21 4.12
N VAL F 9 -4.48 -4.01 3.15
CA VAL F 9 -3.70 -5.17 2.74
C VAL F 9 -3.62 -5.20 1.22
N ILE F 10 -2.40 -5.36 0.70
CA ILE F 10 -2.17 -5.42 -0.74
C ILE F 10 -1.53 -6.75 -0.95
N LEU F 11 -2.11 -7.51 -1.88
CA LEU F 11 -1.61 -8.85 -2.24
C LEU F 11 -1.42 -9.00 -3.75
N VAL F 12 -0.47 -9.84 -4.10
CA VAL F 12 -0.20 -10.17 -5.49
C VAL F 12 0.06 -11.67 -5.38
N GLY F 13 -0.75 -12.48 -6.03
CA GLY F 13 -0.54 -13.90 -5.91
C GLY F 13 -1.39 -14.66 -6.88
N ASN F 14 -1.31 -15.99 -6.81
CA ASN F 14 -2.05 -16.88 -7.69
C ASN F 14 -3.16 -17.64 -7.00
N LEU F 15 -4.27 -17.82 -7.71
CA LEU F 15 -5.39 -18.54 -7.14
C LEU F 15 -5.09 -20.07 -6.91
N GLY F 16 -5.57 -20.57 -5.77
CA GLY F 16 -5.43 -21.99 -5.48
C GLY F 16 -6.45 -22.76 -6.32
N GLN F 17 -7.71 -22.33 -6.33
CA GLN F 17 -8.74 -22.98 -7.11
C GLN F 17 -9.51 -21.94 -7.90
N ASP F 18 -10.49 -22.37 -8.66
CA ASP F 18 -11.31 -21.44 -9.40
C ASP F 18 -12.17 -20.66 -8.42
N PRO F 19 -12.54 -19.42 -8.78
CA PRO F 19 -13.37 -18.62 -7.91
C PRO F 19 -14.65 -19.33 -7.51
N GLU F 20 -14.97 -19.34 -6.22
CA GLU F 20 -16.20 -19.97 -5.75
C GLU F 20 -17.28 -18.91 -5.52
N VAL F 21 -18.01 -18.57 -6.58
CA VAL F 21 -19.08 -17.57 -6.52
C VAL F 21 -20.37 -18.06 -5.89
N ARG F 22 -20.91 -17.24 -5.01
CA ARG F 22 -22.13 -17.57 -4.29
C ARG F 22 -23.02 -16.36 -4.37
N TYR F 23 -24.28 -16.54 -3.99
CA TYR F 23 -25.17 -15.41 -3.99
C TYR F 23 -25.64 -15.19 -2.57
N MET F 24 -25.47 -13.94 -2.18
CA MET F 24 -25.83 -13.45 -0.88
C MET F 24 -27.33 -13.12 -1.00
N PRO F 25 -28.10 -13.28 0.08
CA PRO F 25 -29.53 -12.97 0.02
C PRO F 25 -29.75 -11.54 -0.47
N ASN F 26 -30.63 -11.39 -1.46
CA ASN F 26 -30.94 -10.07 -2.02
C ASN F 26 -29.89 -9.60 -3.02
N GLY F 27 -29.78 -10.33 -4.13
CA GLY F 27 -28.82 -10.01 -5.16
C GLY F 27 -27.45 -10.50 -4.74
N GLY F 28 -27.16 -11.77 -4.99
CA GLY F 28 -25.88 -12.34 -4.60
C GLY F 28 -24.62 -11.54 -4.90
N ALA F 29 -23.75 -12.15 -5.69
CA ALA F 29 -22.50 -11.51 -6.08
C ALA F 29 -21.58 -11.45 -4.89
N VAL F 30 -20.90 -12.57 -4.67
CA VAL F 30 -19.89 -12.71 -3.61
C VAL F 30 -18.99 -13.83 -4.09
N ALA F 31 -17.74 -13.52 -4.40
CA ALA F 31 -16.82 -14.53 -4.87
C ALA F 31 -15.70 -14.72 -3.88
N ASN F 32 -15.51 -15.96 -3.47
CA ASN F 32 -14.47 -16.32 -2.53
C ASN F 32 -13.27 -16.88 -3.28
N ILE F 33 -12.14 -16.20 -3.23
CA ILE F 33 -10.96 -16.73 -3.87
C ILE F 33 -9.95 -16.95 -2.76
N THR F 34 -8.97 -17.81 -3.01
CA THR F 34 -7.95 -18.08 -2.01
C THR F 34 -6.64 -17.96 -2.79
N LEU F 35 -5.80 -17.02 -2.34
CA LEU F 35 -4.53 -16.70 -3.00
C LEU F 35 -3.30 -17.11 -2.27
N ALA F 36 -2.29 -17.48 -3.05
CA ALA F 36 -1.04 -17.88 -2.51
C ALA F 36 0.06 -16.88 -2.76
N THR F 37 0.89 -16.66 -1.76
CA THR F 37 2.05 -15.79 -1.91
C THR F 37 3.09 -16.70 -1.29
N SER F 38 4.26 -16.77 -1.90
CA SER F 38 5.33 -17.60 -1.40
C SER F 38 6.44 -16.69 -0.87
N GLU F 39 7.36 -17.27 -0.12
CA GLU F 39 8.46 -16.51 0.43
C GLU F 39 9.61 -17.47 0.56
N SER F 40 10.84 -16.97 0.47
CA SER F 40 11.98 -17.87 0.56
C SER F 40 13.13 -17.33 1.39
N TRP F 41 13.95 -18.23 1.88
CA TRP F 41 15.08 -17.83 2.69
C TRP F 41 16.03 -18.98 3.02
N ARG F 42 17.03 -18.60 3.84
CA ARG F 42 18.08 -19.50 4.30
C ARG F 42 18.76 -19.19 5.66
N ASP F 43 18.75 -20.27 6.45
CA ASP F 43 19.22 -20.43 7.83
C ASP F 43 20.74 -20.61 8.10
N LYS F 44 21.00 -21.28 9.22
CA LYS F 44 22.36 -21.64 9.63
C LYS F 44 23.26 -20.64 10.35
N ALA F 45 23.13 -20.54 11.68
CA ALA F 45 23.97 -19.64 12.50
C ALA F 45 23.43 -19.21 13.88
N MET F 49 18.47 -22.87 2.25
CA MET F 49 17.31 -22.51 1.38
C MET F 49 16.02 -22.90 2.11
N LYS F 50 14.87 -22.42 1.61
CA LYS F 50 13.60 -22.75 2.26
C LYS F 50 12.34 -21.95 1.88
N GLU F 51 11.55 -22.46 0.93
CA GLU F 51 10.31 -21.80 0.54
C GLU F 51 9.43 -21.66 1.77
N GLN F 52 8.13 -21.54 1.48
CA GLN F 52 7.12 -21.38 2.50
C GLN F 52 5.99 -20.62 1.86
N THR F 53 4.90 -21.28 1.50
CA THR F 53 3.85 -20.47 0.94
C THR F 53 2.75 -20.17 1.92
N GLU F 54 2.11 -19.03 1.74
CA GLU F 54 1.05 -18.59 2.61
C GLU F 54 -0.21 -18.48 1.81
N TRP F 55 -1.31 -18.87 2.41
CA TRP F 55 -2.53 -18.82 1.70
C TRP F 55 -3.42 -17.78 2.34
N HIS F 56 -4.08 -17.01 1.47
CA HIS F 56 -4.93 -15.92 1.90
C HIS F 56 -6.33 -16.19 1.40
N ARG F 57 -7.30 -15.77 2.20
CA ARG F 57 -8.71 -15.94 1.92
C ARG F 57 -9.27 -14.59 1.52
N VAL F 58 -9.45 -14.37 0.22
CA VAL F 58 -9.95 -13.10 -0.22
C VAL F 58 -11.40 -13.21 -0.59
N VAL F 59 -12.14 -12.16 -0.35
CA VAL F 59 -13.58 -12.15 -0.61
C VAL F 59 -14.02 -10.94 -1.40
N LEU F 60 -14.60 -11.17 -2.57
CA LEU F 60 -15.07 -10.09 -3.45
C LEU F 60 -16.57 -9.94 -3.37
N PHE F 61 -17.07 -8.76 -3.70
CA PHE F 61 -18.50 -8.51 -3.66
C PHE F 61 -18.95 -7.87 -4.97
N GLY F 62 -20.26 -7.78 -5.17
CA GLY F 62 -20.82 -7.19 -6.39
C GLY F 62 -20.07 -7.39 -7.70
N LYS F 63 -19.82 -6.27 -8.36
CA LYS F 63 -19.11 -6.23 -9.63
C LYS F 63 -17.92 -7.18 -9.73
N LEU F 64 -16.98 -6.95 -8.84
CA LEU F 64 -15.76 -7.72 -8.82
C LEU F 64 -16.02 -9.19 -8.62
N ALA F 65 -17.03 -9.52 -7.84
CA ALA F 65 -17.32 -10.90 -7.60
C ALA F 65 -17.55 -11.59 -8.93
N GLU F 66 -18.37 -10.97 -9.77
CA GLU F 66 -18.68 -11.55 -11.06
C GLU F 66 -17.55 -11.49 -12.03
N VAL F 67 -16.77 -10.43 -12.01
CA VAL F 67 -15.67 -10.42 -12.95
C VAL F 67 -14.75 -11.59 -12.66
N ALA F 68 -14.45 -11.85 -11.39
CA ALA F 68 -13.60 -12.97 -11.00
C ALA F 68 -14.31 -14.20 -11.51
N SER F 69 -15.59 -14.28 -11.21
CA SER F 69 -16.42 -15.40 -11.64
C SER F 69 -16.25 -15.71 -13.12
N GLU F 70 -16.21 -14.66 -13.95
CA GLU F 70 -16.08 -14.76 -15.41
C GLU F 70 -14.67 -14.89 -16.00
N TYR F 71 -13.67 -14.33 -15.33
CA TYR F 71 -12.32 -14.38 -15.89
C TYR F 71 -11.22 -14.95 -15.03
N LEU F 72 -11.47 -15.20 -13.77
CA LEU F 72 -10.40 -15.77 -12.96
C LEU F 72 -10.57 -17.28 -12.86
N ARG F 73 -9.50 -18.00 -13.16
CA ARG F 73 -9.51 -19.45 -13.10
C ARG F 73 -8.38 -19.80 -12.14
N LYS F 74 -8.33 -21.07 -11.74
CA LYS F 74 -7.32 -21.58 -10.84
C LYS F 74 -6.05 -20.77 -10.88
N GLY F 75 -5.18 -21.01 -11.84
CA GLY F 75 -3.90 -20.30 -11.89
C GLY F 75 -3.77 -18.78 -12.02
N SER F 76 -4.84 -18.10 -12.35
CA SER F 76 -4.76 -16.69 -12.50
C SER F 76 -3.95 -15.96 -11.46
N GLN F 77 -3.21 -14.97 -11.91
CA GLN F 77 -2.42 -14.14 -11.03
C GLN F 77 -3.14 -12.81 -10.91
N VAL F 78 -3.38 -12.36 -9.67
CA VAL F 78 -4.10 -11.12 -9.46
C VAL F 78 -3.48 -10.19 -8.43
N TYR F 79 -3.87 -8.93 -8.52
CA TYR F 79 -3.43 -7.89 -7.62
C TYR F 79 -4.63 -7.61 -6.77
N ILE F 80 -4.45 -7.58 -5.47
CA ILE F 80 -5.57 -7.29 -4.58
C ILE F 80 -5.23 -6.20 -3.58
N GLU F 81 -6.20 -5.34 -3.31
CA GLU F 81 -6.03 -4.30 -2.35
C GLU F 81 -7.32 -4.34 -1.57
N GLY F 82 -7.27 -4.71 -0.29
CA GLY F 82 -8.50 -4.75 0.47
C GLY F 82 -8.23 -4.42 1.91
N GLN F 83 -9.16 -4.84 2.76
CA GLN F 83 -9.10 -4.66 4.21
C GLN F 83 -9.19 -6.00 4.97
N LEU F 84 -8.60 -6.07 6.14
CA LEU F 84 -8.68 -7.29 6.90
C LEU F 84 -9.96 -7.22 7.70
N ARG F 85 -10.64 -8.35 7.82
CA ARG F 85 -11.86 -8.42 8.60
C ARG F 85 -11.92 -9.80 9.24
N THR F 86 -12.11 -9.85 10.56
CA THR F 86 -12.22 -11.11 11.30
C THR F 86 -13.70 -11.36 11.62
N ARG F 87 -14.25 -12.43 11.08
CA ARG F 87 -15.65 -12.82 11.27
C ARG F 87 -15.88 -13.81 12.42
N LYS F 88 -16.85 -13.51 13.27
CA LYS F 88 -17.21 -14.38 14.39
C LYS F 88 -18.35 -15.25 13.87
N TRP F 89 -18.20 -16.57 13.97
CA TRP F 89 -19.22 -17.52 13.52
C TRP F 89 -19.37 -18.64 14.57
N THR F 90 -20.50 -19.36 14.58
CA THR F 90 -20.65 -20.45 15.53
C THR F 90 -20.25 -21.91 15.24
N ASP F 91 -20.54 -22.73 14.30
CA ASP F 91 -20.06 -24.15 14.17
C ASP F 91 -20.55 -25.08 15.26
N GLN F 92 -20.20 -26.35 15.09
CA GLN F 92 -21.84 -27.48 14.41
C GLN F 92 -22.08 -27.76 15.88
N SER F 93 -20.97 -27.97 16.57
CA SER F 93 -21.00 -28.28 17.98
C SER F 93 -21.35 -27.06 18.83
N GLY F 94 -21.71 -25.95 18.17
CA GLY F 94 -22.06 -24.73 18.90
C GLY F 94 -20.89 -23.97 19.52
N GLN F 95 -19.66 -24.23 19.08
CA GLN F 95 -18.49 -23.54 19.62
C GLN F 95 -18.15 -22.32 18.76
N ASP F 96 -17.54 -21.32 19.38
CA ASP F 96 -17.17 -20.08 18.67
C ASP F 96 -15.97 -20.20 17.78
N ARG F 97 -16.07 -19.60 16.61
CA ARG F 97 -14.97 -19.66 15.70
C ARG F 97 -14.74 -18.32 15.03
N TYR F 98 -13.48 -18.05 14.71
CA TYR F 98 -13.16 -16.82 14.03
C TYR F 98 -12.36 -17.04 12.77
N THR F 99 -12.69 -16.26 11.75
CA THR F 99 -11.95 -16.37 10.50
C THR F 99 -11.69 -15.03 9.95
N THR F 100 -10.43 -14.79 9.65
CA THR F 100 -10.10 -13.50 9.12
C THR F 100 -9.83 -13.59 7.64
N GLU F 101 -10.22 -12.53 6.96
CA GLU F 101 -10.04 -12.48 5.53
C GLU F 101 -9.78 -11.09 5.08
N VAL F 102 -9.32 -11.04 3.85
CA VAL F 102 -9.04 -9.82 3.14
C VAL F 102 -10.29 -9.65 2.31
N VAL F 103 -11.12 -8.68 2.71
CA VAL F 103 -12.34 -8.36 2.01
C VAL F 103 -12.09 -7.19 1.05
N VAL F 104 -12.51 -7.35 -0.20
CA VAL F 104 -12.33 -6.28 -1.16
C VAL F 104 -13.65 -5.48 -1.17
N ASN F 105 -13.66 -4.33 -0.48
CA ASN F 105 -14.83 -3.47 -0.36
C ASN F 105 -14.69 -2.09 -0.99
N VAL F 106 -15.15 -1.09 -0.23
CA VAL F 106 -15.16 0.33 -0.61
C VAL F 106 -14.00 0.72 -1.49
N GLY F 107 -12.89 1.14 -0.88
CA GLY F 107 -11.75 1.53 -1.67
C GLY F 107 -10.87 0.37 -2.12
N GLY F 108 -11.45 -0.83 -2.20
CA GLY F 108 -10.67 -1.99 -2.59
C GLY F 108 -10.32 -2.00 -4.05
N THR F 109 -10.02 -3.18 -4.56
CA THR F 109 -9.71 -3.42 -5.97
C THR F 109 -9.03 -4.75 -6.26
N MET F 110 -9.33 -5.31 -7.42
CA MET F 110 -8.77 -6.57 -7.85
C MET F 110 -8.35 -6.35 -9.27
N GLN F 111 -7.34 -7.06 -9.72
CA GLN F 111 -6.87 -6.90 -11.08
C GLN F 111 -6.07 -8.08 -11.51
N MET F 112 -6.40 -8.60 -12.67
CA MET F 112 -5.71 -9.74 -13.22
C MET F 112 -4.38 -9.25 -13.71
N LEU F 113 -3.36 -10.08 -13.57
CA LEU F 113 -2.03 -9.70 -14.04
C LEU F 113 -1.63 -10.52 -15.26
N GLY F 114 -0.37 -10.33 -15.65
CA GLY F 114 0.22 -11.00 -16.79
C GLY F 114 -0.79 -11.32 -17.85
N GLY F 115 -1.52 -10.31 -18.29
CA GLY F 115 -2.53 -10.50 -19.32
C GLY F 115 -2.22 -9.71 -20.58
N ARG F 116 -1.09 -10.03 -21.20
CA ARG F 116 -0.65 -9.38 -22.44
C ARG F 116 -1.82 -8.96 -23.34
#